data_7RXW
#
_entry.id   7RXW
#
_cell.length_a   68.322
_cell.length_b   94.069
_cell.length_c   117.344
_cell.angle_alpha   90.000
_cell.angle_beta   90.000
_cell.angle_gamma   90.000
#
_symmetry.space_group_name_H-M   'I 2 2 2'
#
loop_
_entity.id
_entity.type
_entity.pdbx_description
1 polymer 'S-adenosylmethionine synthase isoform type-2'
2 non-polymer "5'-DEOXY-5'-METHYLTHIOADENOSINE"
3 non-polymer ALANINE
4 non-polymer 'IMIDODIPHOSPHORIC ACID'
5 non-polymer 1,2-ETHANEDIOL
6 non-polymer 'MAGNESIUM ION'
7 non-polymer 'POTASSIUM ION'
8 water water
#
_entity_poly.entity_id   1
_entity_poly.type   'polypeptide(L)'
_entity_poly.pdbx_seq_one_letter_code
;MHHHHHHSSGVDLGTENLYFQSMNGQLNGFHEAFIEEGTFLFTSESVGEGHPDKICDQISDAVLDAHLQQDPDAKVACET
VAKTGMILLAGEITSRAAVDYQKVVREAVKHIGYDDSSKGFDYKTCNVLVALEQQSPDIAQGVHLDRNEEDIGAGDQGLM
FGYATDETEECMPLTIVLAHKLNAKLAELRRNGTLPWLRPDSKTQVTVQYMQDRGAVLPIRVHTIVISVQHDEEVCLDEM
RDALKEKVIKAVVPAKYLDEDTIYHLQPSGRFVIGGPQGDAGLTGRKIIVDTYGGWGAHGGGAFSGKDYTKVDRSAAYAA
RWVAKSLVKGGLCRRVLVQVSYAIGVSHPLSISIFHYGTSQKSERELLEIVKKNFDLRPGVIVRDLDLKKPIYQRTAAYG
HFGRDSFPWEVPKKLKY
;
_entity_poly.pdbx_strand_id   A
#
# COMPACT_ATOMS: atom_id res chain seq x y z
N GLU A 37 28.02 -4.84 17.58
CA GLU A 37 29.01 -4.44 16.58
C GLU A 37 28.40 -3.46 15.59
N GLY A 38 27.47 -2.63 16.07
CA GLY A 38 26.83 -1.64 15.23
C GLY A 38 25.78 -2.16 14.29
N THR A 39 25.50 -3.46 14.29
CA THR A 39 24.47 -4.00 13.42
C THR A 39 23.19 -4.28 14.19
N PHE A 40 22.11 -4.35 13.43
CA PHE A 40 20.79 -4.64 13.98
C PHE A 40 19.97 -5.37 12.93
N LEU A 41 18.91 -6.00 13.40
CA LEU A 41 17.95 -6.65 12.53
C LEU A 41 16.72 -5.77 12.35
N PHE A 42 16.09 -5.86 11.18
CA PHE A 42 14.79 -5.24 10.98
C PHE A 42 13.97 -6.15 10.08
N THR A 43 12.69 -6.28 10.38
CA THR A 43 11.80 -7.20 9.68
C THR A 43 10.63 -6.44 9.08
N SER A 44 10.27 -6.77 7.84
CA SER A 44 9.05 -6.30 7.22
C SER A 44 8.32 -7.45 6.55
N GLU A 45 7.01 -7.29 6.34
CA GLU A 45 6.21 -8.30 5.64
C GLU A 45 5.48 -7.71 4.44
N SER A 46 5.02 -8.61 3.59
CA SER A 46 4.14 -8.25 2.50
C SER A 46 3.14 -9.38 2.33
N VAL A 47 2.06 -9.12 1.58
CA VAL A 47 1.08 -10.16 1.28
C VAL A 47 0.74 -10.12 -0.20
N GLY A 48 0.21 -11.23 -0.68
CA GLY A 48 -0.16 -11.34 -2.07
C GLY A 48 -1.54 -10.79 -2.40
N GLU A 49 -1.82 -10.80 -3.70
CA GLU A 49 -3.08 -10.26 -4.20
C GLU A 49 -4.29 -10.99 -3.67
N GLY A 50 -4.16 -12.26 -3.33
CA GLY A 50 -5.25 -13.05 -2.82
C GLY A 50 -5.31 -13.15 -1.32
N HIS A 51 -4.43 -12.46 -0.59
CA HIS A 51 -4.62 -12.36 0.83
C HIS A 51 -5.96 -11.66 1.08
N PRO A 52 -6.80 -12.16 1.99
CA PRO A 52 -8.17 -11.63 2.07
CA PRO A 52 -8.16 -11.62 2.11
C PRO A 52 -8.26 -10.13 2.37
N ASP A 53 -7.36 -9.58 3.19
CA ASP A 53 -7.37 -8.13 3.40
C ASP A 53 -7.04 -7.40 2.12
N LYS A 54 -6.06 -7.90 1.38
CA LYS A 54 -5.67 -7.25 0.14
C LYS A 54 -6.75 -7.40 -0.94
N ILE A 55 -7.50 -8.52 -0.94
CA ILE A 55 -8.66 -8.61 -1.83
C ILE A 55 -9.57 -7.42 -1.60
N CYS A 56 -9.86 -7.13 -0.32
CA CYS A 56 -10.75 -6.03 0.02
C CYS A 56 -10.19 -4.68 -0.43
N ASP A 57 -8.90 -4.45 -0.23
CA ASP A 57 -8.31 -3.19 -0.71
C ASP A 57 -8.48 -3.06 -2.22
N GLN A 58 -8.20 -4.14 -2.96
CA GLN A 58 -8.32 -4.08 -4.41
C GLN A 58 -9.75 -3.85 -4.87
N ILE A 59 -10.72 -4.50 -4.22
CA ILE A 59 -12.12 -4.26 -4.58
C ILE A 59 -12.54 -2.84 -4.25
N SER A 60 -12.17 -2.34 -3.08
CA SER A 60 -12.49 -0.97 -2.73
C SER A 60 -11.95 0.01 -3.76
N ASP A 61 -10.71 -0.21 -4.22
CA ASP A 61 -10.15 0.68 -5.23
C ASP A 61 -10.71 0.43 -6.63
N ALA A 62 -11.15 -0.79 -6.94
CA ALA A 62 -11.88 -1.02 -8.19
C ALA A 62 -13.19 -0.22 -8.20
N VAL A 63 -13.87 -0.17 -7.07
CA VAL A 63 -15.10 0.62 -6.94
C VAL A 63 -14.78 2.11 -7.10
N LEU A 64 -13.74 2.59 -6.40
CA LEU A 64 -13.33 3.97 -6.55
C LEU A 64 -13.04 4.30 -8.01
N ASP A 65 -12.24 3.48 -8.67
CA ASP A 65 -11.89 3.74 -10.06
C ASP A 65 -13.12 3.75 -10.95
N ALA A 66 -14.06 2.84 -10.73
CA ALA A 66 -15.27 2.78 -11.55
C ALA A 66 -16.05 4.07 -11.43
N HIS A 67 -16.16 4.62 -10.22
CA HIS A 67 -16.81 5.92 -10.04
C HIS A 67 -16.04 7.03 -10.73
N LEU A 68 -14.73 7.08 -10.53
CA LEU A 68 -13.94 8.20 -11.07
C LEU A 68 -13.92 8.19 -12.59
N GLN A 69 -14.05 7.01 -13.21
CA GLN A 69 -14.10 6.95 -14.67
C GLN A 69 -15.26 7.76 -15.22
N GLN A 70 -16.37 7.82 -14.50
CA GLN A 70 -17.55 8.56 -14.93
C GLN A 70 -17.71 9.91 -14.27
N ASP A 71 -17.27 10.05 -13.02
CA ASP A 71 -17.46 11.28 -12.25
C ASP A 71 -16.16 11.56 -11.52
N PRO A 72 -15.29 12.40 -12.09
CA PRO A 72 -14.01 12.68 -11.45
C PRO A 72 -14.11 13.26 -10.05
N ASP A 73 -15.25 13.85 -9.71
CA ASP A 73 -15.49 14.45 -8.40
C ASP A 73 -16.30 13.56 -7.48
N ALA A 74 -16.39 12.28 -7.77
CA ALA A 74 -17.11 11.38 -6.89
C ALA A 74 -16.52 11.42 -5.48
N LYS A 75 -17.41 11.38 -4.48
CA LYS A 75 -17.03 11.28 -3.07
CA LYS A 75 -17.03 11.28 -3.07
C LYS A 75 -17.23 9.82 -2.68
N VAL A 76 -16.13 9.14 -2.38
CA VAL A 76 -16.13 7.69 -2.22
C VAL A 76 -15.44 7.33 -0.91
N ALA A 77 -16.10 6.46 -0.15
CA ALA A 77 -15.57 5.91 1.09
C ALA A 77 -16.10 4.48 1.16
N CYS A 78 -15.50 3.59 0.36
CA CYS A 78 -16.00 2.24 0.16
C CYS A 78 -15.16 1.24 0.93
N GLU A 79 -15.73 0.63 1.97
CA GLU A 79 -15.08 -0.44 2.71
C GLU A 79 -15.59 -1.77 2.16
N THR A 80 -14.71 -2.76 2.11
CA THR A 80 -15.07 -4.11 1.66
C THR A 80 -14.75 -5.08 2.79
N VAL A 81 -15.60 -6.08 2.94
CA VAL A 81 -15.41 -7.18 3.88
C VAL A 81 -15.54 -8.48 3.10
N ALA A 82 -14.67 -9.43 3.39
CA ALA A 82 -14.68 -10.71 2.70
C ALA A 82 -14.64 -11.85 3.72
N LYS A 83 -15.49 -12.84 3.52
CA LYS A 83 -15.45 -14.08 4.29
C LYS A 83 -15.91 -15.15 3.31
N THR A 84 -15.94 -16.41 3.75
CA THR A 84 -16.35 -17.50 2.87
C THR A 84 -17.57 -17.12 2.06
N GLY A 85 -17.41 -17.15 0.72
CA GLY A 85 -18.52 -16.92 -0.17
C GLY A 85 -19.06 -15.52 -0.25
N MET A 86 -18.46 -14.53 0.41
CA MET A 86 -19.09 -13.22 0.56
C MET A 86 -18.12 -12.08 0.33
N ILE A 87 -18.55 -11.14 -0.51
CA ILE A 87 -18.00 -9.80 -0.54
C ILE A 87 -19.13 -8.85 -0.13
N LEU A 88 -18.91 -8.04 0.91
CA LEU A 88 -19.84 -7.01 1.32
C LEU A 88 -19.19 -5.65 1.11
N LEU A 89 -19.90 -4.75 0.45
CA LEU A 89 -19.48 -3.36 0.33
C LEU A 89 -20.28 -2.52 1.33
N ALA A 90 -19.59 -1.72 2.14
N ALA A 90 -19.57 -1.77 2.17
CA ALA A 90 -20.28 -0.88 3.12
CA ALA A 90 -20.15 -0.88 3.16
C ALA A 90 -19.58 0.45 3.20
C ALA A 90 -19.57 0.50 2.93
N GLY A 91 -20.34 1.53 3.24
CA GLY A 91 -19.76 2.85 3.24
C GLY A 91 -20.64 3.84 2.57
N GLU A 92 -19.99 4.90 2.08
CA GLU A 92 -20.68 6.10 1.65
C GLU A 92 -20.11 6.58 0.33
N ILE A 93 -20.98 6.72 -0.66
CA ILE A 93 -20.61 7.21 -1.98
C ILE A 93 -21.67 8.19 -2.46
N THR A 94 -21.23 9.39 -2.85
CA THR A 94 -22.06 10.34 -3.56
C THR A 94 -21.40 10.63 -4.90
N SER A 95 -22.07 10.28 -5.98
CA SER A 95 -21.46 10.26 -7.29
C SER A 95 -22.54 10.31 -8.35
N ARG A 96 -22.20 10.94 -9.48
CA ARG A 96 -23.04 10.92 -10.67
C ARG A 96 -22.87 9.67 -11.51
N ALA A 97 -21.92 8.81 -11.17
CA ALA A 97 -21.68 7.60 -11.94
C ALA A 97 -22.80 6.59 -11.76
N ALA A 98 -22.98 5.74 -12.76
CA ALA A 98 -23.84 4.56 -12.67
C ALA A 98 -22.91 3.36 -12.68
N VAL A 99 -22.73 2.72 -11.52
CA VAL A 99 -21.75 1.66 -11.34
C VAL A 99 -22.46 0.34 -11.07
N ASP A 100 -22.09 -0.69 -11.81
CA ASP A 100 -22.64 -2.04 -11.63
C ASP A 100 -21.71 -2.74 -10.64
N TYR A 101 -22.10 -2.72 -9.36
CA TYR A 101 -21.23 -3.27 -8.31
C TYR A 101 -21.01 -4.76 -8.48
N GLN A 102 -22.02 -5.50 -8.92
CA GLN A 102 -21.85 -6.93 -9.17
CA GLN A 102 -21.83 -6.93 -9.12
C GLN A 102 -20.69 -7.17 -10.12
N LYS A 103 -20.71 -6.45 -11.25
CA LYS A 103 -19.68 -6.63 -12.26
C LYS A 103 -18.31 -6.18 -11.76
N VAL A 104 -18.25 -5.01 -11.12
CA VAL A 104 -16.95 -4.48 -10.70
C VAL A 104 -16.29 -5.42 -9.69
N VAL A 105 -17.07 -5.87 -8.71
CA VAL A 105 -16.52 -6.76 -7.68
C VAL A 105 -16.07 -8.06 -8.30
N ARG A 106 -16.91 -8.66 -9.12
CA ARG A 106 -16.59 -9.99 -9.65
C ARG A 106 -15.41 -9.93 -10.60
N GLU A 107 -15.28 -8.86 -11.38
CA GLU A 107 -14.12 -8.73 -12.24
C GLU A 107 -12.82 -8.60 -11.44
N ALA A 108 -12.86 -7.89 -10.31
CA ALA A 108 -11.67 -7.76 -9.48
C ALA A 108 -11.25 -9.12 -8.93
N VAL A 109 -12.21 -9.90 -8.43
CA VAL A 109 -11.91 -11.22 -7.89
C VAL A 109 -11.39 -12.16 -8.97
N LYS A 110 -11.96 -12.06 -10.17
CA LYS A 110 -11.46 -12.83 -11.30
C LYS A 110 -9.99 -12.53 -11.55
N HIS A 111 -9.63 -11.25 -11.58
CA HIS A 111 -8.26 -10.87 -11.88
C HIS A 111 -7.29 -11.42 -10.84
N ILE A 112 -7.71 -11.42 -9.58
CA ILE A 112 -6.88 -11.95 -8.50
C ILE A 112 -6.64 -13.43 -8.69
N GLY A 113 -7.62 -14.16 -9.22
CA GLY A 113 -7.44 -15.56 -9.54
C GLY A 113 -8.37 -16.51 -8.83
N TYR A 114 -9.36 -16.01 -8.11
CA TYR A 114 -10.30 -16.88 -7.39
C TYR A 114 -11.47 -17.17 -8.31
N ASP A 115 -11.37 -18.31 -9.02
CA ASP A 115 -12.28 -18.62 -10.10
C ASP A 115 -12.81 -20.04 -10.00
N ASP A 116 -12.79 -20.67 -8.83
CA ASP A 116 -13.29 -22.03 -8.73
C ASP A 116 -13.46 -22.40 -7.28
N SER A 117 -14.52 -23.15 -6.99
CA SER A 117 -14.75 -23.56 -5.62
CA SER A 117 -14.81 -23.77 -5.71
C SER A 117 -13.59 -24.39 -5.07
N SER A 118 -12.83 -25.08 -5.93
CA SER A 118 -11.70 -25.84 -5.43
C SER A 118 -10.63 -24.96 -4.81
N LYS A 119 -10.57 -23.68 -5.19
CA LYS A 119 -9.60 -22.73 -4.66
C LYS A 119 -10.11 -22.02 -3.43
N GLY A 120 -11.36 -22.27 -3.04
CA GLY A 120 -11.95 -21.69 -1.86
C GLY A 120 -12.83 -20.50 -2.10
N PHE A 121 -12.87 -19.98 -3.33
CA PHE A 121 -13.59 -18.75 -3.62
C PHE A 121 -13.72 -18.66 -5.13
N ASP A 122 -14.88 -18.21 -5.61
CA ASP A 122 -15.14 -18.13 -7.04
CA ASP A 122 -15.15 -18.14 -7.05
C ASP A 122 -15.92 -16.86 -7.36
N TYR A 123 -15.33 -15.99 -8.18
CA TYR A 123 -16.00 -14.76 -8.59
C TYR A 123 -17.33 -15.02 -9.26
N LYS A 124 -17.49 -16.17 -9.92
CA LYS A 124 -18.72 -16.40 -10.67
C LYS A 124 -19.92 -16.67 -9.76
N THR A 125 -19.67 -17.21 -8.57
CA THR A 125 -20.73 -17.77 -7.75
C THR A 125 -20.75 -17.25 -6.32
N CYS A 126 -19.86 -16.34 -5.95
CA CYS A 126 -19.90 -15.78 -4.60
C CYS A 126 -21.08 -14.81 -4.46
N ASN A 127 -21.41 -14.53 -3.20
CA ASN A 127 -22.40 -13.52 -2.83
C ASN A 127 -21.73 -12.16 -2.83
N VAL A 128 -22.37 -11.19 -3.48
CA VAL A 128 -21.97 -9.79 -3.40
C VAL A 128 -23.15 -9.02 -2.79
N LEU A 129 -22.92 -8.42 -1.64
CA LEU A 129 -23.92 -7.70 -0.87
C LEU A 129 -23.50 -6.24 -0.81
N VAL A 130 -24.45 -5.30 -0.90
CA VAL A 130 -24.14 -3.89 -0.97
C VAL A 130 -24.93 -3.13 0.09
N ALA A 131 -24.20 -2.42 0.96
CA ALA A 131 -24.76 -1.56 2.01
C ALA A 131 -24.12 -0.18 1.89
N LEU A 132 -24.40 0.48 0.77
CA LEU A 132 -23.79 1.76 0.43
C LEU A 132 -24.86 2.82 0.50
N GLU A 133 -24.54 3.93 1.14
CA GLU A 133 -25.43 5.07 1.26
C GLU A 133 -24.72 6.30 0.74
N GLN A 134 -25.42 7.41 0.63
CA GLN A 134 -24.79 8.67 0.27
C GLN A 134 -23.82 9.12 1.38
N GLN A 135 -22.87 9.97 1.00
CA GLN A 135 -22.09 10.68 2.00
C GLN A 135 -22.98 11.49 2.93
N SER A 136 -22.67 11.47 4.21
CA SER A 136 -23.40 12.28 5.18
C SER A 136 -23.49 13.72 4.70
N PRO A 137 -24.68 14.31 4.65
CA PRO A 137 -24.76 15.72 4.27
CA PRO A 137 -24.79 15.73 4.31
C PRO A 137 -24.07 16.64 5.27
N ASP A 138 -23.94 16.23 6.54
CA ASP A 138 -23.22 17.04 7.51
C ASP A 138 -21.73 17.08 7.17
N ILE A 139 -21.16 15.97 6.72
CA ILE A 139 -19.78 15.98 6.26
C ILE A 139 -19.66 16.85 5.01
N ALA A 140 -20.55 16.62 4.05
CA ALA A 140 -20.44 17.32 2.78
C ALA A 140 -20.44 18.83 2.99
N GLN A 141 -21.37 19.33 3.81
CA GLN A 141 -21.45 20.77 4.01
C GLN A 141 -20.22 21.33 4.70
N GLY A 142 -19.58 20.55 5.53
CA GLY A 142 -18.43 21.01 6.26
C GLY A 142 -17.12 20.88 5.53
N VAL A 143 -17.07 20.08 4.47
CA VAL A 143 -15.85 19.77 3.77
C VAL A 143 -15.77 20.47 2.41
N HIS A 144 -16.80 20.30 1.58
CA HIS A 144 -16.65 20.67 0.18
C HIS A 144 -17.80 21.44 -0.43
N LEU A 145 -18.98 21.48 0.17
CA LEU A 145 -20.12 22.21 -0.42
CA LEU A 145 -20.07 22.18 -0.50
C LEU A 145 -19.78 23.68 -0.54
N ASP A 146 -19.96 24.24 -1.73
N ASP A 146 -19.97 24.23 -1.74
CA ASP A 146 -19.80 25.68 -1.99
CA ASP A 146 -19.77 25.65 -2.02
C ASP A 146 -18.36 26.18 -1.96
C ASP A 146 -18.39 26.12 -1.58
N ARG A 147 -17.38 25.29 -1.84
CA ARG A 147 -15.99 25.70 -1.65
C ARG A 147 -15.25 25.67 -2.96
N ASN A 148 -14.41 26.67 -3.16
CA ASN A 148 -13.47 26.66 -4.27
C ASN A 148 -12.61 25.42 -4.15
N GLU A 149 -12.32 24.74 -5.27
CA GLU A 149 -11.62 23.45 -5.17
C GLU A 149 -10.31 23.56 -4.41
N GLU A 150 -9.49 24.58 -4.72
CA GLU A 150 -8.21 24.71 -4.04
C GLU A 150 -8.38 24.88 -2.54
N ASP A 151 -9.54 25.37 -2.12
CA ASP A 151 -9.84 25.67 -0.72
C ASP A 151 -10.79 24.69 -0.09
N ILE A 152 -10.97 23.51 -0.69
CA ILE A 152 -11.76 22.47 -0.06
CA ILE A 152 -11.75 22.45 -0.08
C ILE A 152 -11.13 22.09 1.27
N GLY A 153 -11.97 21.78 2.23
CA GLY A 153 -11.44 21.36 3.52
C GLY A 153 -10.93 19.93 3.47
N ALA A 154 -10.04 19.58 4.38
CA ALA A 154 -9.72 18.19 4.58
C ALA A 154 -11.00 17.42 4.86
N GLY A 155 -11.09 16.21 4.34
CA GLY A 155 -12.27 15.39 4.53
C GLY A 155 -12.41 14.78 5.90
N ASP A 156 -11.38 14.87 6.73
CA ASP A 156 -11.38 14.37 8.09
C ASP A 156 -10.19 15.04 8.79
N GLN A 157 -10.17 14.96 10.13
CA GLN A 157 -8.92 15.21 10.82
C GLN A 157 -7.99 14.02 10.60
N GLY A 158 -6.74 14.14 11.02
CA GLY A 158 -5.84 13.02 11.12
C GLY A 158 -4.41 13.44 10.91
N LEU A 159 -3.53 12.47 11.09
CA LEU A 159 -2.11 12.63 10.91
C LEU A 159 -1.62 11.62 9.87
N MET A 160 -0.57 11.98 9.16
CA MET A 160 -0.04 11.12 8.06
C MET A 160 1.45 11.30 8.04
N PHE A 161 2.15 10.26 7.61
CA PHE A 161 3.59 10.33 7.49
C PHE A 161 4.05 9.90 6.10
N GLY A 162 5.13 10.53 5.65
CA GLY A 162 5.89 10.06 4.49
C GLY A 162 7.30 9.71 4.91
N TYR A 163 7.92 8.82 4.16
CA TYR A 163 9.27 8.34 4.51
C TYR A 163 10.02 8.06 3.22
N ALA A 164 11.33 8.24 3.27
CA ALA A 164 12.20 7.87 2.17
C ALA A 164 13.57 7.53 2.76
N THR A 165 14.24 6.59 2.09
CA THR A 165 15.56 6.11 2.51
C THR A 165 16.39 5.84 1.27
N ASP A 166 17.64 6.28 1.27
CA ASP A 166 18.53 6.11 0.12
C ASP A 166 19.09 4.71 0.00
N GLU A 167 18.65 3.75 0.79
CA GLU A 167 19.23 2.42 0.76
C GLU A 167 18.89 1.65 -0.51
N THR A 168 17.84 2.05 -1.25
CA THR A 168 17.53 1.49 -2.56
C THR A 168 17.27 2.64 -3.52
N GLU A 169 17.40 2.38 -4.83
CA GLU A 169 17.15 3.42 -5.83
C GLU A 169 15.74 3.97 -5.73
N GLU A 170 14.78 3.12 -5.43
CA GLU A 170 13.39 3.55 -5.31
C GLU A 170 13.07 4.19 -3.97
N CYS A 171 14.08 4.36 -3.12
CA CYS A 171 13.94 5.16 -1.91
CA CYS A 171 13.98 5.14 -1.89
C CYS A 171 13.05 4.47 -0.88
N MET A 172 13.06 3.15 -0.87
CA MET A 172 12.28 2.34 0.05
C MET A 172 13.16 1.40 0.85
N PRO A 173 12.67 0.94 2.00
CA PRO A 173 13.44 -0.05 2.77
C PRO A 173 13.60 -1.36 2.01
N LEU A 174 14.81 -1.92 2.06
CA LEU A 174 15.05 -3.17 1.36
C LEU A 174 14.16 -4.30 1.88
N THR A 175 13.92 -4.33 3.18
CA THR A 175 13.09 -5.40 3.76
C THR A 175 11.75 -5.51 3.06
N ILE A 176 11.04 -4.39 2.90
N ILE A 176 11.06 -4.36 2.89
CA ILE A 176 9.72 -4.51 2.31
CA ILE A 176 9.71 -4.33 2.33
C ILE A 176 9.80 -4.65 0.80
C ILE A 176 9.75 -4.54 0.82
N VAL A 177 10.78 -4.03 0.14
CA VAL A 177 10.93 -4.23 -1.30
C VAL A 177 11.05 -5.71 -1.60
N LEU A 178 11.94 -6.40 -0.88
CA LEU A 178 12.13 -7.82 -1.12
C LEU A 178 10.86 -8.60 -0.78
N ALA A 179 10.18 -8.26 0.33
CA ALA A 179 8.96 -8.96 0.68
C ALA A 179 7.90 -8.83 -0.41
N HIS A 180 7.72 -7.63 -0.95
CA HIS A 180 6.76 -7.45 -2.02
C HIS A 180 7.16 -8.27 -3.24
N LYS A 181 8.44 -8.22 -3.62
CA LYS A 181 8.87 -8.91 -4.82
C LYS A 181 8.68 -10.42 -4.69
N LEU A 182 8.82 -10.97 -3.48
CA LEU A 182 8.57 -12.39 -3.31
C LEU A 182 7.11 -12.73 -3.60
N ASN A 183 6.16 -11.90 -3.12
CA ASN A 183 4.75 -12.15 -3.45
C ASN A 183 4.49 -11.97 -4.93
N ALA A 184 5.10 -10.98 -5.57
CA ALA A 184 4.89 -10.79 -6.99
C ALA A 184 5.42 -11.98 -7.78
N LYS A 185 6.55 -12.54 -7.35
CA LYS A 185 7.10 -13.71 -8.02
C LYS A 185 6.16 -14.91 -7.90
N LEU A 186 5.57 -15.11 -6.73
CA LEU A 186 4.60 -16.18 -6.57
C LEU A 186 3.45 -16.01 -7.55
N ALA A 187 2.93 -14.79 -7.67
CA ALA A 187 1.80 -14.58 -8.58
C ALA A 187 2.23 -14.81 -10.02
N GLU A 188 3.46 -14.44 -10.37
CA GLU A 188 3.94 -14.61 -11.74
C GLU A 188 4.01 -16.10 -12.07
N LEU A 189 4.54 -16.92 -11.15
CA LEU A 189 4.73 -18.35 -11.40
C LEU A 189 3.41 -19.11 -11.32
N ARG A 190 2.45 -18.59 -10.56
CA ARG A 190 1.08 -19.10 -10.60
C ARG A 190 0.47 -18.83 -11.97
N ARG A 191 0.55 -17.59 -12.42
CA ARG A 191 -0.13 -17.21 -13.64
C ARG A 191 0.52 -17.80 -14.89
N ASN A 192 1.83 -18.04 -14.88
CA ASN A 192 2.48 -18.61 -16.06
C ASN A 192 2.44 -20.14 -16.04
N GLY A 193 1.85 -20.74 -15.03
CA GLY A 193 1.64 -22.17 -15.00
C GLY A 193 2.84 -22.99 -14.63
N THR A 194 3.94 -22.37 -14.24
CA THR A 194 5.10 -23.21 -13.92
CA THR A 194 5.14 -23.13 -13.88
C THR A 194 5.00 -23.78 -12.51
N LEU A 195 4.26 -23.16 -11.59
CA LEU A 195 3.97 -23.75 -10.27
C LEU A 195 2.46 -23.80 -10.15
N PRO A 196 1.82 -24.76 -10.83
CA PRO A 196 0.35 -24.72 -10.96
C PRO A 196 -0.37 -25.09 -9.68
N TRP A 197 0.34 -25.57 -8.67
CA TRP A 197 -0.23 -25.83 -7.36
C TRP A 197 -0.42 -24.58 -6.51
N LEU A 198 0.10 -23.44 -6.95
CA LEU A 198 -0.04 -22.23 -6.18
C LEU A 198 -1.47 -21.69 -6.27
N ARG A 199 -1.92 -21.09 -5.19
CA ARG A 199 -3.17 -20.34 -5.14
CA ARG A 199 -3.18 -20.34 -5.12
C ARG A 199 -2.86 -18.89 -4.80
N PRO A 200 -3.87 -18.00 -4.85
CA PRO A 200 -3.58 -16.55 -4.78
C PRO A 200 -3.17 -16.00 -3.41
N ASP A 201 -3.54 -16.65 -2.31
CA ASP A 201 -3.30 -16.11 -0.97
C ASP A 201 -1.87 -16.43 -0.52
N SER A 202 -1.07 -15.41 -0.23
CA SER A 202 0.31 -15.61 0.20
C SER A 202 0.72 -14.51 1.16
N LYS A 203 1.75 -14.83 1.96
CA LYS A 203 2.40 -13.88 2.84
C LYS A 203 3.90 -14.16 2.81
N THR A 204 4.68 -13.09 2.94
CA THR A 204 6.12 -13.20 2.99
C THR A 204 6.65 -12.28 4.09
N GLN A 205 7.86 -12.56 4.54
CA GLN A 205 8.45 -11.74 5.60
C GLN A 205 9.96 -11.83 5.46
N VAL A 206 10.63 -10.68 5.52
CA VAL A 206 12.07 -10.62 5.31
C VAL A 206 12.71 -9.86 6.46
N THR A 207 13.71 -10.47 7.08
CA THR A 207 14.54 -9.87 8.11
C THR A 207 15.90 -9.62 7.52
N VAL A 208 16.35 -8.36 7.55
CA VAL A 208 17.66 -7.96 7.05
C VAL A 208 18.50 -7.50 8.22
N GLN A 209 19.78 -7.79 8.15
N GLN A 209 19.78 -7.89 8.20
CA GLN A 209 20.78 -7.31 9.08
CA GLN A 209 20.79 -7.32 9.07
C GLN A 209 21.45 -6.10 8.47
C GLN A 209 21.33 -6.06 8.41
N TYR A 210 21.36 -4.97 9.17
CA TYR A 210 21.80 -3.67 8.71
C TYR A 210 22.96 -3.17 9.56
N MET A 211 23.72 -2.27 8.97
CA MET A 211 24.68 -1.45 9.68
C MET A 211 24.14 -0.02 9.70
N GLN A 212 24.43 0.67 10.80
CA GLN A 212 24.11 2.09 10.93
C GLN A 212 25.23 2.91 10.29
N ASP A 213 24.87 4.03 9.65
CA ASP A 213 25.84 4.84 8.94
C ASP A 213 25.43 6.32 9.00
N ARG A 214 25.81 6.98 10.09
CA ARG A 214 25.51 8.39 10.32
C ARG A 214 24.02 8.69 10.13
N GLY A 215 23.18 7.83 10.71
CA GLY A 215 21.75 7.97 10.62
C GLY A 215 21.11 7.28 9.44
N ALA A 216 21.88 7.01 8.38
CA ALA A 216 21.42 6.19 7.29
C ALA A 216 21.56 4.73 7.67
N VAL A 217 20.98 3.86 6.87
CA VAL A 217 21.08 2.42 7.14
C VAL A 217 21.58 1.73 5.89
N LEU A 218 22.42 0.72 6.10
CA LEU A 218 23.09 -0.01 5.02
C LEU A 218 22.76 -1.48 5.16
N PRO A 219 22.05 -2.09 4.21
CA PRO A 219 21.77 -3.54 4.29
CA PRO A 219 21.77 -3.53 4.34
C PRO A 219 23.03 -4.36 4.12
N ILE A 220 23.20 -5.38 4.95
CA ILE A 220 24.33 -6.31 4.90
CA ILE A 220 24.33 -6.29 4.86
C ILE A 220 23.93 -7.65 4.29
N ARG A 221 22.92 -8.28 4.87
CA ARG A 221 22.57 -9.64 4.49
CA ARG A 221 22.54 -9.62 4.44
C ARG A 221 21.13 -9.90 4.91
N VAL A 222 20.54 -10.91 4.31
CA VAL A 222 19.22 -11.41 4.71
C VAL A 222 19.40 -12.46 5.77
N HIS A 223 18.81 -12.21 6.93
CA HIS A 223 18.89 -13.05 8.10
C HIS A 223 17.86 -14.16 8.10
N THR A 224 16.61 -13.85 7.75
CA THR A 224 15.52 -14.81 7.78
C THR A 224 14.52 -14.46 6.69
N ILE A 225 13.96 -15.47 6.02
CA ILE A 225 12.85 -15.31 5.10
C ILE A 225 11.74 -16.27 5.49
N VAL A 226 10.51 -15.76 5.54
CA VAL A 226 9.31 -16.57 5.67
C VAL A 226 8.50 -16.46 4.38
N ILE A 227 7.99 -17.60 3.89
CA ILE A 227 6.98 -17.60 2.84
C ILE A 227 5.93 -18.61 3.22
N SER A 228 4.66 -18.18 3.21
CA SER A 228 3.50 -19.06 3.34
C SER A 228 2.60 -18.79 2.14
N VAL A 229 2.20 -19.84 1.43
CA VAL A 229 1.32 -19.64 0.27
C VAL A 229 0.33 -20.78 0.17
N GLN A 230 -0.92 -20.41 -0.13
CA GLN A 230 -1.99 -21.38 -0.31
C GLN A 230 -1.67 -22.27 -1.50
N HIS A 231 -2.05 -23.54 -1.39
CA HIS A 231 -1.66 -24.53 -2.37
C HIS A 231 -2.75 -25.58 -2.54
N ASP A 232 -2.61 -26.36 -3.61
CA ASP A 232 -3.54 -27.44 -3.91
C ASP A 232 -3.32 -28.64 -3.00
N GLU A 233 -4.29 -29.55 -3.05
CA GLU A 233 -4.32 -30.73 -2.19
CA GLU A 233 -4.29 -30.71 -2.17
C GLU A 233 -3.34 -31.81 -2.62
N GLU A 234 -2.75 -31.70 -3.80
CA GLU A 234 -1.93 -32.75 -4.35
C GLU A 234 -0.43 -32.58 -4.13
N VAL A 235 0.07 -31.36 -4.03
CA VAL A 235 1.53 -31.14 -4.00
C VAL A 235 2.05 -31.45 -2.60
N CYS A 236 3.25 -32.02 -2.52
CA CYS A 236 3.72 -32.32 -1.19
C CYS A 236 4.62 -31.20 -0.67
N LEU A 237 4.83 -31.27 0.63
CA LEU A 237 5.52 -30.22 1.33
C LEU A 237 6.95 -30.06 0.86
N ASP A 238 7.68 -31.15 0.65
CA ASP A 238 9.08 -31.01 0.22
C ASP A 238 9.18 -30.42 -1.16
N GLU A 239 8.27 -30.76 -2.06
CA GLU A 239 8.26 -30.14 -3.38
C GLU A 239 8.04 -28.64 -3.25
N MET A 240 7.09 -28.23 -2.41
CA MET A 240 6.83 -26.81 -2.26
C MET A 240 8.05 -26.10 -1.66
N ARG A 241 8.64 -26.66 -0.62
CA ARG A 241 9.77 -25.98 0.02
C ARG A 241 10.94 -25.85 -0.94
N ASP A 242 11.21 -26.89 -1.72
CA ASP A 242 12.28 -26.81 -2.71
C ASP A 242 11.99 -25.74 -3.76
N ALA A 243 10.76 -25.71 -4.27
CA ALA A 243 10.41 -24.72 -5.28
C ALA A 243 10.46 -23.30 -4.72
N LEU A 244 10.02 -23.10 -3.48
CA LEU A 244 10.03 -21.76 -2.91
C LEU A 244 11.45 -21.25 -2.77
N LYS A 245 12.39 -22.12 -2.42
CA LYS A 245 13.77 -21.68 -2.32
C LYS A 245 14.37 -21.43 -3.70
N GLU A 246 14.21 -22.39 -4.61
CA GLU A 246 14.96 -22.34 -5.86
C GLU A 246 14.32 -21.43 -6.91
N LYS A 247 12.99 -21.41 -7.00
CA LYS A 247 12.30 -20.70 -8.07
C LYS A 247 11.74 -19.36 -7.60
N VAL A 248 11.62 -19.15 -6.31
CA VAL A 248 11.07 -17.90 -5.80
C VAL A 248 12.18 -17.10 -5.13
N ILE A 249 12.74 -17.59 -4.03
CA ILE A 249 13.74 -16.81 -3.31
C ILE A 249 14.95 -16.51 -4.21
N LYS A 250 15.53 -17.54 -4.83
CA LYS A 250 16.73 -17.29 -5.62
C LYS A 250 16.46 -16.42 -6.83
N ALA A 251 15.24 -16.42 -7.34
CA ALA A 251 14.89 -15.56 -8.46
C ALA A 251 14.79 -14.10 -8.07
N VAL A 252 14.54 -13.81 -6.80
CA VAL A 252 14.23 -12.48 -6.30
C VAL A 252 15.37 -11.85 -5.51
N VAL A 253 15.98 -12.60 -4.60
CA VAL A 253 16.92 -12.05 -3.63
C VAL A 253 18.34 -12.24 -4.16
N PRO A 254 19.12 -11.18 -4.33
CA PRO A 254 20.50 -11.34 -4.78
C PRO A 254 21.28 -12.31 -3.90
N ALA A 255 22.04 -13.18 -4.56
CA ALA A 255 22.81 -14.19 -3.85
C ALA A 255 23.76 -13.57 -2.82
N LYS A 256 24.24 -12.36 -3.08
CA LYS A 256 25.17 -11.72 -2.15
C LYS A 256 24.55 -11.51 -0.79
N TYR A 257 23.22 -11.50 -0.67
CA TYR A 257 22.58 -11.32 0.62
C TYR A 257 22.28 -12.63 1.34
N LEU A 258 22.45 -13.75 0.68
CA LEU A 258 22.08 -15.05 1.23
C LEU A 258 23.33 -15.84 1.53
N ASP A 259 23.39 -16.49 2.68
CA ASP A 259 24.58 -17.22 3.03
C ASP A 259 24.20 -18.45 3.84
N GLU A 260 25.21 -19.14 4.34
CA GLU A 260 24.97 -20.41 5.03
C GLU A 260 24.17 -20.22 6.31
N ASP A 261 24.16 -19.01 6.86
CA ASP A 261 23.45 -18.77 8.09
C ASP A 261 22.02 -18.29 7.90
N THR A 262 21.63 -17.91 6.68
CA THR A 262 20.26 -17.44 6.46
C THR A 262 19.27 -18.52 6.85
N ILE A 263 18.22 -18.11 7.56
CA ILE A 263 17.18 -19.01 8.05
C ILE A 263 15.98 -18.92 7.13
N TYR A 264 15.45 -20.07 6.73
CA TYR A 264 14.31 -20.16 5.84
C TYR A 264 13.16 -20.84 6.55
N HIS A 265 12.01 -20.17 6.58
CA HIS A 265 10.76 -20.72 7.10
C HIS A 265 9.80 -20.75 5.93
N LEU A 266 9.75 -21.88 5.21
CA LEU A 266 9.00 -22.03 3.97
C LEU A 266 7.86 -23.00 4.24
N GLN A 267 6.64 -22.55 4.01
CA GLN A 267 5.45 -23.28 4.43
C GLN A 267 5.58 -23.73 5.88
N PRO A 268 5.88 -22.81 6.81
CA PRO A 268 6.14 -23.22 8.19
C PRO A 268 4.92 -23.80 8.90
N SER A 269 3.70 -23.51 8.45
CA SER A 269 2.55 -24.14 9.09
C SER A 269 2.38 -25.59 8.68
N GLY A 270 3.04 -26.02 7.61
CA GLY A 270 2.95 -27.38 7.16
C GLY A 270 1.82 -27.68 6.20
N ARG A 271 0.73 -26.91 6.22
CA ARG A 271 -0.41 -27.17 5.34
C ARG A 271 -1.21 -25.88 5.23
N PHE A 272 -1.51 -25.47 4.01
CA PHE A 272 -2.22 -24.22 3.69
C PHE A 272 -3.06 -24.48 2.44
N VAL A 273 -4.01 -25.40 2.57
CA VAL A 273 -4.95 -25.68 1.48
C VAL A 273 -6.15 -24.74 1.54
N ILE A 274 -6.73 -24.60 2.73
CA ILE A 274 -7.77 -23.61 2.97
C ILE A 274 -7.12 -22.24 3.01
N GLY A 275 -7.63 -21.31 2.22
CA GLY A 275 -7.07 -19.99 2.20
C GLY A 275 -8.04 -18.99 1.61
N GLY A 276 -7.55 -17.80 1.30
CA GLY A 276 -8.44 -16.73 0.93
C GLY A 276 -9.42 -16.42 2.04
N PRO A 277 -10.54 -15.78 1.69
CA PRO A 277 -11.54 -15.41 2.73
C PRO A 277 -12.05 -16.59 3.52
N GLN A 278 -12.03 -17.78 2.95
CA GLN A 278 -12.47 -18.95 3.69
C GLN A 278 -11.56 -19.22 4.88
N GLY A 279 -10.27 -19.00 4.74
CA GLY A 279 -9.36 -19.22 5.86
C GLY A 279 -9.30 -18.10 6.86
N ASP A 280 -9.68 -16.88 6.49
CA ASP A 280 -9.45 -15.71 7.33
C ASP A 280 -10.26 -14.56 6.76
N ALA A 281 -11.10 -13.93 7.56
CA ALA A 281 -11.86 -12.80 7.08
C ALA A 281 -10.93 -11.67 6.65
N GLY A 282 -11.33 -10.97 5.59
CA GLY A 282 -10.60 -9.81 5.11
C GLY A 282 -11.42 -8.54 5.28
N LEU A 283 -10.72 -7.43 5.47
CA LEU A 283 -11.34 -6.13 5.56
CA LEU A 283 -11.33 -6.12 5.57
C LEU A 283 -10.43 -5.11 4.88
N THR A 284 -11.03 -4.08 4.28
CA THR A 284 -10.22 -2.98 3.75
C THR A 284 -9.46 -2.29 4.86
N GLY A 285 -8.23 -1.88 4.56
CA GLY A 285 -7.49 -1.04 5.48
C GLY A 285 -6.87 -1.76 6.64
N ARG A 286 -6.59 -3.05 6.47
CA ARG A 286 -6.00 -3.89 7.50
C ARG A 286 -4.59 -4.33 7.12
N LYS A 287 -4.00 -3.70 6.11
CA LYS A 287 -2.63 -3.94 5.67
C LYS A 287 -1.92 -2.60 5.49
N ILE A 288 -2.10 -1.67 6.43
CA ILE A 288 -1.63 -0.32 6.20
C ILE A 288 -0.12 -0.19 6.26
N ILE A 289 0.55 -1.11 6.97
CA ILE A 289 2.01 -1.11 7.06
C ILE A 289 2.62 -1.79 5.83
N VAL A 290 2.00 -2.87 5.34
CA VAL A 290 2.35 -3.44 4.03
C VAL A 290 2.19 -2.40 2.92
N ASP A 291 1.16 -1.54 3.03
CA ASP A 291 0.88 -0.57 2.01
C ASP A 291 1.91 0.56 1.98
N THR A 292 2.70 0.71 3.05
CA THR A 292 3.55 1.88 3.24
C THR A 292 5.00 1.43 3.40
N TYR A 293 5.55 1.41 4.62
CA TYR A 293 7.00 1.31 4.81
C TYR A 293 7.44 0.10 5.62
N GLY A 294 6.57 -0.86 5.89
CA GLY A 294 7.05 -2.12 6.46
C GLY A 294 7.59 -2.02 7.87
N GLY A 295 7.12 -1.05 8.64
CA GLY A 295 7.55 -0.84 9.99
C GLY A 295 8.54 0.28 10.14
N TRP A 296 9.22 0.65 9.06
CA TRP A 296 10.10 1.79 9.06
C TRP A 296 9.27 3.08 9.06
N GLY A 297 9.90 4.19 9.37
N GLY A 297 9.91 4.16 9.47
CA GLY A 297 9.16 5.45 9.35
CA GLY A 297 9.19 5.42 9.59
C GLY A 297 8.14 5.55 10.46
C GLY A 297 8.01 5.26 10.53
N ALA A 298 6.87 5.77 10.12
CA ALA A 298 5.74 5.84 11.04
C ALA A 298 4.47 5.81 10.22
N HIS A 299 3.33 5.69 10.91
CA HIS A 299 2.04 5.66 10.27
C HIS A 299 1.05 6.43 11.13
N GLY A 300 0.16 7.19 10.49
CA GLY A 300 -0.88 7.91 11.18
C GLY A 300 -2.15 7.15 11.44
N GLY A 301 -2.31 5.97 10.84
CA GLY A 301 -3.42 5.09 11.14
C GLY A 301 -4.42 4.95 10.02
N GLY A 302 -4.44 5.88 9.08
N GLY A 302 -4.48 5.90 9.09
CA GLY A 302 -5.45 5.88 8.05
CA GLY A 302 -5.55 5.91 8.10
C GLY A 302 -5.20 4.82 7.00
C GLY A 302 -5.25 5.02 6.90
N ALA A 303 -6.28 4.29 6.48
CA ALA A 303 -6.22 3.40 5.33
C ALA A 303 -6.30 4.21 4.05
N PHE A 304 -5.79 3.63 2.97
CA PHE A 304 -5.80 4.28 1.68
C PHE A 304 -6.97 3.86 0.79
N SER A 305 -7.25 2.57 0.67
CA SER A 305 -8.09 2.10 -0.42
C SER A 305 -9.55 2.47 -0.20
N GLY A 306 -10.22 2.72 -1.31
CA GLY A 306 -11.64 3.04 -1.32
C GLY A 306 -11.97 4.48 -1.08
N LYS A 307 -11.00 5.39 -1.09
CA LYS A 307 -11.17 6.78 -0.70
C LYS A 307 -10.72 7.72 -1.81
N ASP A 308 -11.56 8.71 -2.12
CA ASP A 308 -11.20 9.77 -3.05
C ASP A 308 -10.27 10.80 -2.39
N TYR A 309 -9.77 11.73 -3.21
CA TYR A 309 -8.68 12.62 -2.78
C TYR A 309 -9.03 13.50 -1.60
N THR A 310 -10.31 13.79 -1.36
CA THR A 310 -10.62 14.65 -0.23
C THR A 310 -10.34 13.97 1.09
N LYS A 311 -10.20 12.65 1.11
CA LYS A 311 -9.81 11.92 2.30
C LYS A 311 -8.29 12.00 2.41
N VAL A 312 -7.81 12.92 3.25
CA VAL A 312 -6.40 13.17 3.39
C VAL A 312 -5.62 11.99 3.93
N ASP A 313 -6.26 11.00 4.54
CA ASP A 313 -5.57 9.77 4.89
C ASP A 313 -4.75 9.24 3.72
N ARG A 314 -5.31 9.34 2.52
CA ARG A 314 -4.63 8.89 1.31
C ARG A 314 -3.85 10.03 0.66
N SER A 315 -4.52 11.10 0.26
CA SER A 315 -3.85 12.13 -0.52
C SER A 315 -2.70 12.78 0.23
N ALA A 316 -2.83 13.03 1.52
CA ALA A 316 -1.74 13.68 2.24
C ALA A 316 -0.61 12.71 2.54
N ALA A 317 -0.90 11.42 2.71
CA ALA A 317 0.19 10.44 2.81
C ALA A 317 0.94 10.33 1.50
N TYR A 318 0.23 10.37 0.36
CA TYR A 318 0.92 10.36 -0.92
C TYR A 318 1.78 11.62 -1.05
N ALA A 319 1.23 12.77 -0.68
CA ALA A 319 2.02 14.00 -0.75
C ALA A 319 3.21 13.95 0.18
N ALA A 320 3.04 13.39 1.38
CA ALA A 320 4.16 13.32 2.31
C ALA A 320 5.27 12.38 1.78
N ARG A 321 4.89 11.28 1.13
CA ARG A 321 5.88 10.44 0.43
C ARG A 321 6.61 11.27 -0.62
N TRP A 322 5.86 12.04 -1.41
CA TRP A 322 6.43 12.87 -2.45
C TRP A 322 7.43 13.86 -1.88
N VAL A 323 7.09 14.51 -0.76
CA VAL A 323 8.03 15.39 -0.09
C VAL A 323 9.28 14.64 0.35
N ALA A 324 9.10 13.51 1.04
CA ALA A 324 10.23 12.77 1.57
C ALA A 324 11.17 12.33 0.45
N LYS A 325 10.59 11.76 -0.61
CA LYS A 325 11.40 11.30 -1.72
C LYS A 325 12.09 12.46 -2.43
N SER A 326 11.42 13.62 -2.51
CA SER A 326 12.03 14.80 -3.10
C SER A 326 13.23 15.26 -2.29
N LEU A 327 13.14 15.19 -0.97
CA LEU A 327 14.26 15.60 -0.13
C LEU A 327 15.45 14.65 -0.31
N VAL A 328 15.20 13.35 -0.37
CA VAL A 328 16.30 12.39 -0.49
C VAL A 328 16.89 12.44 -1.89
N LYS A 329 16.05 12.38 -2.93
CA LYS A 329 16.57 12.41 -4.29
C LYS A 329 17.20 13.75 -4.63
N GLY A 330 16.79 14.82 -3.96
CA GLY A 330 17.39 16.11 -4.13
C GLY A 330 18.70 16.29 -3.40
N GLY A 331 19.15 15.28 -2.67
CA GLY A 331 20.42 15.33 -1.99
C GLY A 331 20.43 16.09 -0.69
N LEU A 332 19.27 16.45 -0.16
CA LEU A 332 19.23 17.19 1.10
C LEU A 332 19.36 16.30 2.31
N CYS A 333 19.11 15.01 2.16
N CYS A 333 18.88 15.05 2.22
CA CYS A 333 19.27 14.10 3.28
CA CYS A 333 18.94 14.06 3.28
C CYS A 333 19.21 12.68 2.73
C CYS A 333 19.30 12.71 2.67
N ARG A 334 19.69 11.74 3.53
CA ARG A 334 19.74 10.35 3.13
C ARG A 334 18.52 9.56 3.56
N ARG A 335 17.82 10.03 4.58
CA ARG A 335 16.69 9.33 5.17
C ARG A 335 15.85 10.38 5.87
N VAL A 336 14.53 10.30 5.73
CA VAL A 336 13.69 11.36 6.28
C VAL A 336 12.29 10.85 6.52
N LEU A 337 11.70 11.35 7.60
CA LEU A 337 10.31 11.14 7.98
C LEU A 337 9.61 12.48 8.01
N VAL A 338 8.45 12.55 7.40
CA VAL A 338 7.65 13.77 7.30
C VAL A 338 6.31 13.50 7.96
N GLN A 339 5.89 14.35 8.92
CA GLN A 339 4.52 14.29 9.44
C GLN A 339 3.74 15.49 8.96
N VAL A 340 2.46 15.27 8.66
CA VAL A 340 1.50 16.34 8.44
CA VAL A 340 1.49 16.33 8.41
C VAL A 340 0.23 15.97 9.20
N SER A 341 -0.60 16.98 9.48
CA SER A 341 -1.90 16.69 10.11
C SER A 341 -2.91 17.73 9.67
N TYR A 342 -4.20 17.40 9.85
CA TYR A 342 -5.32 18.17 9.35
C TYR A 342 -6.45 18.17 10.37
N ALA A 343 -7.35 19.14 10.20
CA ALA A 343 -8.66 19.13 10.85
C ALA A 343 -9.76 19.08 9.79
N ILE A 344 -10.83 18.34 10.05
CA ILE A 344 -11.94 18.28 9.09
C ILE A 344 -12.42 19.70 8.79
N GLY A 345 -12.61 19.99 7.49
CA GLY A 345 -13.12 21.26 7.07
C GLY A 345 -12.11 22.35 6.89
N VAL A 346 -10.86 22.11 7.26
CA VAL A 346 -9.79 23.09 7.19
C VAL A 346 -8.83 22.68 6.09
N SER A 347 -8.45 23.60 5.20
CA SER A 347 -7.64 23.24 4.04
CA SER A 347 -7.65 23.20 4.05
C SER A 347 -6.17 23.05 4.37
N HIS A 348 -5.56 24.03 5.02
CA HIS A 348 -4.12 23.93 5.28
C HIS A 348 -3.83 22.97 6.41
N PRO A 349 -2.72 22.25 6.35
CA PRO A 349 -2.36 21.36 7.45
C PRO A 349 -2.18 22.14 8.74
N LEU A 350 -2.50 21.47 9.84
CA LEU A 350 -2.33 22.05 11.17
CA LEU A 350 -2.34 22.04 11.17
C LEU A 350 -0.89 22.01 11.62
N SER A 351 -0.12 21.03 11.16
CA SER A 351 1.27 20.85 11.55
C SER A 351 1.99 20.16 10.41
N ILE A 352 3.29 20.49 10.30
CA ILE A 352 4.21 19.82 9.39
C ILE A 352 5.51 19.65 10.17
N SER A 353 6.11 18.46 10.08
CA SER A 353 7.34 18.17 10.82
C SER A 353 8.28 17.34 9.96
N ILE A 354 9.58 17.59 10.10
CA ILE A 354 10.61 16.90 9.33
C ILE A 354 11.61 16.31 10.31
N PHE A 355 11.90 15.03 10.16
CA PHE A 355 12.88 14.32 11.01
C PHE A 355 13.88 13.66 10.07
N HIS A 356 15.15 14.07 10.13
CA HIS A 356 16.12 13.61 9.15
C HIS A 356 17.13 12.61 9.69
N TYR A 357 16.95 12.12 10.91
CA TYR A 357 17.78 11.07 11.47
C TYR A 357 19.25 11.45 11.55
N GLY A 358 19.56 12.75 11.48
CA GLY A 358 20.94 13.17 11.43
C GLY A 358 21.61 13.06 10.08
N THR A 359 20.85 12.87 9.01
CA THR A 359 21.42 12.58 7.69
C THR A 359 21.49 13.78 6.78
N SER A 360 21.42 14.99 7.33
CA SER A 360 21.59 16.21 6.56
C SER A 360 22.54 17.14 7.28
N GLN A 361 23.26 17.95 6.50
CA GLN A 361 23.99 19.06 7.09
C GLN A 361 23.05 20.20 7.49
N LYS A 362 21.88 20.29 6.88
CA LYS A 362 20.90 21.29 7.25
C LYS A 362 20.14 20.83 8.47
N SER A 363 19.70 21.79 9.27
CA SER A 363 18.85 21.45 10.41
C SER A 363 17.46 21.05 9.92
N GLU A 364 16.74 20.35 10.79
CA GLU A 364 15.35 20.00 10.49
C GLU A 364 14.51 21.25 10.28
N ARG A 365 14.77 22.32 11.04
CA ARG A 365 14.05 23.60 10.84
C ARG A 365 14.32 24.11 9.40
N GLU A 366 15.57 24.06 8.95
CA GLU A 366 15.87 24.51 7.58
C GLU A 366 15.15 23.66 6.55
N LEU A 367 15.12 22.34 6.74
CA LEU A 367 14.42 21.49 5.79
C LEU A 367 12.92 21.80 5.80
N LEU A 368 12.36 22.05 6.98
CA LEU A 368 10.94 22.39 7.06
C LEU A 368 10.66 23.67 6.27
N GLU A 369 11.53 24.66 6.38
CA GLU A 369 11.36 25.88 5.60
C GLU A 369 11.42 25.60 4.10
N ILE A 370 12.34 24.75 3.66
CA ILE A 370 12.39 24.38 2.25
C ILE A 370 11.10 23.70 1.83
N VAL A 371 10.58 22.79 2.65
CA VAL A 371 9.33 22.12 2.32
C VAL A 371 8.20 23.14 2.19
N LYS A 372 8.12 24.06 3.15
CA LYS A 372 7.02 25.03 3.14
C LYS A 372 7.10 25.95 1.93
N LYS A 373 8.30 26.24 1.45
CA LYS A 373 8.47 27.13 0.27
C LYS A 373 8.21 26.37 -1.04
N ASN A 374 8.26 25.03 -1.05
CA ASN A 374 8.16 24.27 -2.29
C ASN A 374 6.89 23.46 -2.43
N PHE A 375 6.12 23.25 -1.37
CA PHE A 375 4.93 22.41 -1.43
C PHE A 375 3.75 23.13 -0.83
N ASP A 376 2.58 22.89 -1.41
CA ASP A 376 1.30 23.38 -0.91
C ASP A 376 0.47 22.14 -0.61
N LEU A 377 0.29 21.84 0.67
CA LEU A 377 -0.28 20.58 1.11
C LEU A 377 -1.78 20.69 1.42
N ARG A 378 -2.45 21.69 0.86
CA ARG A 378 -3.90 21.68 0.86
C ARG A 378 -4.39 20.55 -0.03
N PRO A 379 -5.44 19.82 0.37
CA PRO A 379 -5.90 18.71 -0.49
C PRO A 379 -6.34 19.15 -1.87
N GLY A 380 -6.91 20.35 -1.98
CA GLY A 380 -7.33 20.85 -3.26
C GLY A 380 -6.20 21.33 -4.15
N VAL A 381 -4.97 21.35 -3.65
CA VAL A 381 -3.80 21.56 -4.47
C VAL A 381 -3.08 20.23 -4.73
N ILE A 382 -2.96 19.38 -3.71
CA ILE A 382 -2.39 18.04 -3.91
C ILE A 382 -3.09 17.33 -5.06
N VAL A 383 -4.42 17.46 -5.15
CA VAL A 383 -5.15 16.75 -6.20
C VAL A 383 -4.64 17.14 -7.57
N ARG A 384 -4.31 18.41 -7.77
CA ARG A 384 -3.77 18.86 -9.04
C ARG A 384 -2.35 18.38 -9.24
N ASP A 385 -1.50 18.52 -8.23
CA ASP A 385 -0.10 18.13 -8.38
C ASP A 385 0.05 16.64 -8.63
N LEU A 386 -0.76 15.83 -7.98
CA LEU A 386 -0.61 14.37 -8.06
C LEU A 386 -1.68 13.72 -8.92
N ASP A 387 -2.52 14.51 -9.59
CA ASP A 387 -3.51 14.01 -10.54
C ASP A 387 -4.46 12.98 -9.93
N LEU A 388 -5.01 13.31 -8.76
CA LEU A 388 -5.66 12.31 -7.92
C LEU A 388 -7.12 12.06 -8.28
N LYS A 389 -7.64 12.68 -9.33
CA LYS A 389 -8.92 12.24 -9.87
C LYS A 389 -8.76 11.13 -10.91
N LYS A 390 -7.53 10.78 -11.28
CA LYS A 390 -7.34 9.76 -12.30
C LYS A 390 -7.63 8.36 -11.74
N PRO A 391 -8.33 7.50 -12.48
CA PRO A 391 -8.72 6.18 -11.95
C PRO A 391 -7.61 5.15 -12.07
N ILE A 392 -6.53 5.35 -11.33
CA ILE A 392 -5.38 4.44 -11.30
C ILE A 392 -5.26 3.74 -9.96
N TYR A 393 -6.27 3.84 -9.11
CA TYR A 393 -6.08 3.42 -7.74
C TYR A 393 -6.01 1.92 -7.56
N GLN A 394 -6.72 1.13 -8.36
CA GLN A 394 -6.59 -0.31 -8.20
C GLN A 394 -5.14 -0.76 -8.39
N ARG A 395 -4.37 -0.05 -9.22
CA ARG A 395 -2.97 -0.40 -9.41
C ARG A 395 -2.13 -0.19 -8.15
N THR A 396 -2.58 0.65 -7.22
CA THR A 396 -1.84 0.90 -5.99
C THR A 396 -2.11 -0.14 -4.91
N ALA A 397 -3.16 -0.95 -5.04
CA ALA A 397 -3.75 -1.67 -3.91
C ALA A 397 -3.12 -3.04 -3.62
N ALA A 398 -2.08 -3.42 -4.36
CA ALA A 398 -1.25 -4.57 -4.03
C ALA A 398 0.21 -4.19 -4.26
N TYR A 399 1.10 -4.79 -3.47
CA TYR A 399 2.55 -4.63 -3.61
C TYR A 399 3.06 -3.28 -3.17
N GLY A 400 2.29 -2.57 -2.37
CA GLY A 400 2.68 -1.30 -1.79
C GLY A 400 2.30 -0.12 -2.67
N HIS A 401 2.00 1.00 -2.03
CA HIS A 401 1.63 2.21 -2.77
C HIS A 401 2.82 3.03 -3.22
N PHE A 402 3.99 2.73 -2.68
CA PHE A 402 5.19 3.53 -2.83
C PHE A 402 6.33 2.70 -3.41
N GLY A 403 7.26 3.38 -4.04
CA GLY A 403 8.45 2.76 -4.57
C GLY A 403 8.29 2.06 -5.90
N ARG A 404 7.20 2.28 -6.61
CA ARG A 404 6.93 1.55 -7.84
C ARG A 404 6.28 2.44 -8.89
N ASP A 405 6.56 2.15 -10.15
CA ASP A 405 5.68 2.53 -11.27
CA ASP A 405 5.80 2.52 -11.35
C ASP A 405 5.72 4.00 -11.64
N SER A 406 6.54 4.80 -11.03
CA SER A 406 6.61 6.23 -11.35
C SER A 406 5.23 6.90 -11.32
N PHE A 407 4.41 6.55 -10.33
CA PHE A 407 3.20 7.32 -9.99
C PHE A 407 3.63 8.76 -9.69
N PRO A 408 2.69 9.73 -9.71
CA PRO A 408 3.13 11.13 -9.55
C PRO A 408 3.87 11.40 -8.24
N TRP A 409 3.49 10.71 -7.16
CA TRP A 409 4.14 10.92 -5.88
C TRP A 409 5.52 10.29 -5.81
N GLU A 410 5.89 9.51 -6.83
CA GLU A 410 7.20 8.89 -6.94
C GLU A 410 8.14 9.67 -7.84
N VAL A 411 7.68 10.74 -8.48
CA VAL A 411 8.49 11.57 -9.34
C VAL A 411 8.93 12.78 -8.52
N PRO A 412 10.18 12.86 -8.10
N PRO A 412 10.20 12.88 -8.14
CA PRO A 412 10.55 13.97 -7.21
CA PRO A 412 10.60 13.96 -7.22
C PRO A 412 10.19 15.33 -7.80
C PRO A 412 10.37 15.35 -7.78
N LYS A 413 9.98 16.28 -6.90
CA LYS A 413 9.91 17.68 -7.25
C LYS A 413 11.31 18.28 -7.12
N LYS A 414 11.71 19.06 -8.14
N LYS A 414 11.75 19.03 -8.14
CA LYS A 414 12.92 19.87 -8.09
CA LYS A 414 13.01 19.76 -8.04
C LYS A 414 12.73 20.97 -7.05
C LYS A 414 12.82 20.97 -7.14
N LEU A 415 13.60 21.02 -6.06
CA LEU A 415 13.41 21.98 -4.99
C LEU A 415 14.22 23.24 -5.21
N LYS A 416 13.62 24.37 -4.87
CA LYS A 416 14.27 25.66 -4.91
C LYS A 416 14.63 26.07 -3.48
N TYR A 417 15.92 26.39 -3.27
CA TYR A 417 16.40 26.81 -1.95
C TYR A 417 17.80 27.42 -2.12
#